data_4WIK
#
_entry.id   4WIK
#
_cell.length_a   127.399
_cell.length_b   180.416
_cell.length_c   57.029
_cell.angle_alpha   90.00
_cell.angle_beta   90.00
_cell.angle_gamma   90.00
#
_symmetry.space_group_name_H-M   'C 2 2 21'
#
_entity_poly.entity_id   1
_entity_poly.type   'polypeptide(L)'
_entity_poly.pdbx_seq_one_letter_code
;GAMAHAAALSVRNLSPYVSNELLEEAFSQFGPIERAVVIVDDRGRSTGKGIVEFASKPAARKAFERCSEGVFLLTTTPRP
VIVEPLEQLDDEDGLPEKLAQKNPMYQKERETPPRFAQHGTFEYEYSQRWKSLDEMEKQQREQVEKNMKDAKDKLESEME
DAYHEHQANLLRQDLMRRQEELRRMEELHNQEMQKRKEMQLRQEEERRRREEEMMIRQREMEEQMRRQREESYS
;
_entity_poly.pdbx_strand_id   A,B
#
# COMPACT_ATOMS: atom_id res chain seq x y z
N ALA A 6 -0.05 -21.17 9.20
CA ALA A 6 -0.03 -19.91 9.94
C ALA A 6 -1.23 -19.73 10.86
N ALA A 7 -0.96 -19.46 12.16
CA ALA A 7 -1.96 -19.21 13.21
C ALA A 7 -1.68 -17.86 13.88
N ALA A 8 -1.04 -16.94 13.14
CA ALA A 8 -0.67 -15.59 13.57
C ALA A 8 -1.45 -14.52 12.83
N LEU A 9 -1.60 -13.33 13.46
CA LEU A 9 -2.34 -12.20 12.87
C LEU A 9 -1.57 -10.88 12.88
N SER A 10 -1.95 -9.99 11.94
CA SER A 10 -1.42 -8.65 11.76
C SER A 10 -2.38 -7.65 12.39
N VAL A 11 -1.97 -7.03 13.49
CA VAL A 11 -2.78 -6.04 14.18
C VAL A 11 -2.36 -4.61 13.84
N ARG A 12 -3.28 -3.83 13.27
CA ARG A 12 -3.01 -2.44 12.90
C ARG A 12 -4.00 -1.41 13.46
N ASN A 13 -3.67 -0.10 13.34
CA ASN A 13 -4.39 1.07 13.86
C ASN A 13 -4.31 1.15 15.40
N LEU A 14 -3.15 0.75 15.95
CA LEU A 14 -2.89 0.78 17.39
C LEU A 14 -2.35 2.15 17.84
N SER A 15 -2.82 2.63 19.01
CA SER A 15 -2.37 3.88 19.63
C SER A 15 -0.87 3.80 19.93
N PRO A 16 -0.10 4.92 19.84
CA PRO A 16 1.35 4.86 20.14
C PRO A 16 1.70 4.41 21.56
N TYR A 17 0.66 4.29 22.41
CA TYR A 17 0.74 3.91 23.81
C TYR A 17 0.46 2.42 24.09
N VAL A 18 -0.09 1.68 23.09
CA VAL A 18 -0.38 0.25 23.20
C VAL A 18 0.95 -0.51 23.33
N SER A 19 1.14 -1.25 24.43
CA SER A 19 2.35 -2.02 24.72
C SER A 19 2.17 -3.51 24.34
N ASN A 20 3.28 -4.28 24.34
CA ASN A 20 3.27 -5.71 24.01
C ASN A 20 2.42 -6.49 25.02
N GLU A 21 2.59 -6.16 26.31
CA GLU A 21 1.92 -6.75 27.46
C GLU A 21 0.41 -6.47 27.44
N LEU A 22 0.00 -5.28 26.95
CA LEU A 22 -1.39 -4.88 26.78
C LEU A 22 -2.03 -5.67 25.64
N LEU A 23 -1.32 -5.76 24.50
CA LEU A 23 -1.73 -6.46 23.29
C LEU A 23 -2.00 -7.94 23.59
N GLU A 24 -1.16 -8.54 24.46
CA GLU A 24 -1.23 -9.93 24.92
C GLU A 24 -2.52 -10.11 25.74
N GLU A 25 -2.72 -9.26 26.78
CA GLU A 25 -3.88 -9.26 27.67
C GLU A 25 -5.20 -9.07 26.90
N ALA A 26 -5.18 -8.23 25.85
CA ALA A 26 -6.35 -7.93 25.01
C ALA A 26 -6.77 -9.07 24.10
N PHE A 27 -5.79 -9.83 23.56
CA PHE A 27 -6.05 -10.92 22.63
C PHE A 27 -6.08 -12.32 23.24
N SER A 28 -5.73 -12.43 24.55
CA SER A 28 -5.74 -13.68 25.33
C SER A 28 -7.18 -14.18 25.53
N GLN A 29 -8.16 -13.25 25.44
CA GLN A 29 -9.60 -13.51 25.58
C GLN A 29 -10.16 -14.38 24.45
N PHE A 30 -9.41 -14.52 23.34
CA PHE A 30 -9.80 -15.32 22.19
C PHE A 30 -9.22 -16.73 22.29
N GLY A 31 -7.92 -16.82 22.56
CA GLY A 31 -7.21 -18.09 22.70
C GLY A 31 -5.89 -17.97 23.42
N PRO A 32 -5.03 -19.02 23.36
CA PRO A 32 -3.72 -18.94 24.05
C PRO A 32 -2.72 -18.11 23.25
N ILE A 33 -1.94 -17.26 23.94
CA ILE A 33 -0.96 -16.41 23.25
C ILE A 33 0.45 -16.98 23.30
N GLU A 34 0.96 -17.31 22.11
CA GLU A 34 2.32 -17.82 21.91
C GLU A 34 3.27 -16.63 21.94
N ARG A 35 2.97 -15.57 21.16
CA ARG A 35 3.74 -14.34 21.06
C ARG A 35 2.84 -13.15 20.66
N ALA A 36 3.04 -12.00 21.32
CA ALA A 36 2.31 -10.75 21.03
C ALA A 36 3.28 -9.60 21.05
N VAL A 37 3.47 -8.94 19.90
CA VAL A 37 4.42 -7.85 19.79
C VAL A 37 3.90 -6.61 19.03
N VAL A 38 4.38 -5.43 19.47
CA VAL A 38 4.11 -4.12 18.90
C VAL A 38 5.37 -3.78 18.10
N ILE A 39 5.24 -3.67 16.76
CA ILE A 39 6.36 -3.36 15.86
C ILE A 39 6.82 -1.92 16.09
N VAL A 40 8.12 -1.76 16.40
CA VAL A 40 8.71 -0.44 16.68
C VAL A 40 9.79 -0.06 15.67
N ASP A 41 9.95 1.26 15.45
CA ASP A 41 10.94 1.80 14.51
C ASP A 41 12.31 2.05 15.16
N ASP A 42 13.26 2.44 14.34
CA ASP A 42 14.63 2.73 14.76
C ASP A 42 14.66 3.61 15.99
N ARG A 43 14.05 4.77 15.89
CA ARG A 43 14.00 5.74 16.98
C ARG A 43 13.35 5.17 18.26
N GLY A 44 12.42 4.23 18.08
CA GLY A 44 11.74 3.55 19.18
C GLY A 44 10.24 3.74 19.30
N ARG A 45 9.65 4.59 18.44
CA ARG A 45 8.22 4.89 18.44
C ARG A 45 7.39 3.68 17.97
N SER A 46 6.11 3.61 18.37
CA SER A 46 5.20 2.55 17.92
C SER A 46 4.81 2.82 16.46
N THR A 47 4.95 1.80 15.59
CA THR A 47 4.65 1.90 14.16
C THR A 47 3.16 1.77 13.85
N GLY A 48 2.35 1.54 14.89
CA GLY A 48 0.91 1.35 14.77
C GLY A 48 0.52 -0.07 14.42
N LYS A 49 1.49 -0.84 13.88
CA LYS A 49 1.37 -2.23 13.48
C LYS A 49 1.80 -3.15 14.63
N GLY A 50 1.45 -4.43 14.51
CA GLY A 50 1.78 -5.45 15.50
C GLY A 50 1.51 -6.87 15.04
N ILE A 51 2.03 -7.84 15.81
CA ILE A 51 1.89 -9.28 15.52
C ILE A 51 1.33 -10.01 16.74
N VAL A 52 0.34 -10.88 16.52
CA VAL A 52 -0.27 -11.70 17.58
C VAL A 52 -0.32 -13.17 17.10
N GLU A 53 0.48 -14.04 17.76
CA GLU A 53 0.59 -15.48 17.45
C GLU A 53 -0.14 -16.35 18.48
N PHE A 54 -1.04 -17.21 18.00
CA PHE A 54 -1.84 -18.12 18.82
C PHE A 54 -1.30 -19.56 18.77
N ALA A 55 -1.61 -20.37 19.79
CA ALA A 55 -1.18 -21.76 19.88
C ALA A 55 -1.89 -22.66 18.86
N SER A 56 -3.18 -22.36 18.60
CA SER A 56 -4.03 -23.12 17.68
C SER A 56 -4.60 -22.24 16.58
N LYS A 57 -4.79 -22.82 15.37
CA LYS A 57 -5.38 -22.15 14.20
C LYS A 57 -6.82 -21.63 14.50
N PRO A 58 -7.74 -22.38 15.17
CA PRO A 58 -9.09 -21.82 15.43
C PRO A 58 -9.09 -20.58 16.34
N ALA A 59 -8.13 -20.47 17.29
CA ALA A 59 -8.00 -19.34 18.21
C ALA A 59 -7.74 -18.03 17.44
N ALA A 60 -6.94 -18.10 16.36
CA ALA A 60 -6.63 -16.98 15.48
C ALA A 60 -7.86 -16.66 14.63
N ARG A 61 -8.55 -17.73 14.13
CA ARG A 61 -9.75 -17.62 13.32
C ARG A 61 -10.85 -16.89 14.09
N LYS A 62 -11.02 -17.22 15.39
CA LYS A 62 -11.96 -16.62 16.33
C LYS A 62 -11.74 -15.11 16.45
N ALA A 63 -10.49 -14.70 16.77
CA ALA A 63 -10.05 -13.31 16.93
C ALA A 63 -10.29 -12.48 15.67
N PHE A 64 -9.86 -13.00 14.50
CA PHE A 64 -10.05 -12.35 13.21
C PHE A 64 -11.53 -12.10 12.89
N GLU A 65 -12.39 -13.10 13.16
CA GLU A 65 -13.83 -13.05 12.93
C GLU A 65 -14.56 -12.03 13.82
N ARG A 66 -14.18 -11.98 15.10
CA ARG A 66 -14.77 -11.05 16.08
C ARG A 66 -14.44 -9.59 15.70
N CYS A 67 -13.17 -9.31 15.41
CA CYS A 67 -12.65 -7.98 15.09
C CYS A 67 -12.95 -7.45 13.68
N SER A 68 -13.32 -8.32 12.74
CA SER A 68 -13.67 -7.90 11.38
C SER A 68 -15.14 -7.48 11.35
N GLU A 69 -15.96 -8.16 12.17
CA GLU A 69 -17.39 -7.92 12.30
C GLU A 69 -17.65 -6.74 13.24
N GLY A 70 -17.26 -6.91 14.50
CA GLY A 70 -17.40 -5.91 15.56
C GLY A 70 -16.22 -4.98 15.73
N VAL A 71 -16.39 -3.96 16.58
CA VAL A 71 -15.38 -2.93 16.87
C VAL A 71 -14.62 -3.27 18.16
N PHE A 72 -13.33 -3.61 18.04
CA PHE A 72 -12.49 -3.93 19.18
C PHE A 72 -11.53 -2.78 19.48
N LEU A 73 -11.52 -2.34 20.76
CA LEU A 73 -10.69 -1.23 21.23
C LEU A 73 -9.82 -1.69 22.41
N LEU A 74 -8.73 -0.95 22.72
CA LEU A 74 -7.83 -1.29 23.82
C LEU A 74 -7.43 -0.10 24.71
N THR A 75 -7.75 1.13 24.27
CA THR A 75 -7.43 2.39 24.98
C THR A 75 -8.67 3.26 25.18
N THR A 76 -8.51 4.39 25.89
CA THR A 76 -9.57 5.37 26.18
C THR A 76 -10.15 5.97 24.89
N THR A 77 -9.26 6.41 23.99
CA THR A 77 -9.59 7.01 22.70
C THR A 77 -10.19 5.92 21.77
N PRO A 78 -11.37 6.17 21.15
CA PRO A 78 -11.99 5.14 20.30
C PRO A 78 -11.27 4.93 18.96
N ARG A 79 -10.17 4.15 19.00
CA ARG A 79 -9.32 3.79 17.87
C ARG A 79 -9.47 2.26 17.60
N PRO A 80 -10.29 1.86 16.59
CA PRO A 80 -10.52 0.42 16.37
C PRO A 80 -9.29 -0.37 15.91
N VAL A 81 -9.21 -1.64 16.31
CA VAL A 81 -8.12 -2.53 15.92
C VAL A 81 -8.52 -3.25 14.62
N ILE A 82 -7.68 -3.13 13.58
CA ILE A 82 -7.91 -3.81 12.30
C ILE A 82 -7.06 -5.06 12.28
N VAL A 83 -7.72 -6.20 12.11
CA VAL A 83 -7.07 -7.50 12.09
C VAL A 83 -7.13 -8.08 10.68
N GLU A 84 -5.95 -8.51 10.19
CA GLU A 84 -5.76 -9.11 8.88
C GLU A 84 -4.93 -10.40 9.01
N PRO A 85 -5.15 -11.42 8.16
CA PRO A 85 -4.30 -12.62 8.25
C PRO A 85 -2.87 -12.23 7.85
N LEU A 86 -1.87 -12.68 8.64
CA LEU A 86 -0.46 -12.36 8.45
C LEU A 86 0.14 -12.79 7.10
N GLU A 87 0.58 -11.80 6.30
CA GLU A 87 1.21 -12.03 5.00
C GLU A 87 2.63 -12.54 5.27
N GLN A 88 2.83 -13.85 5.08
CA GLN A 88 4.11 -14.50 5.32
C GLN A 88 4.85 -14.82 4.02
N LEU A 89 6.10 -14.30 3.93
CA LEU A 89 7.01 -14.40 2.79
C LEU A 89 8.42 -14.79 3.26
N ASP A 90 9.11 -15.68 2.51
CA ASP A 90 10.45 -16.17 2.79
C ASP A 90 11.50 -15.07 2.63
N ASP A 91 12.18 -14.75 3.73
CA ASP A 91 13.20 -13.72 3.83
C ASP A 91 14.61 -14.30 4.05
N GLU A 92 14.71 -15.62 4.33
CA GLU A 92 16.01 -16.25 4.57
C GLU A 92 16.50 -17.19 3.48
N ASP A 93 15.59 -17.90 2.79
CA ASP A 93 16.00 -18.83 1.74
C ASP A 93 15.83 -18.28 0.31
N GLY A 94 14.67 -17.69 0.05
CA GLY A 94 14.34 -17.05 -1.22
C GLY A 94 14.39 -17.93 -2.46
N LEU A 95 14.84 -17.33 -3.58
CA LEU A 95 14.96 -17.98 -4.89
C LEU A 95 16.44 -18.22 -5.26
N PRO A 96 17.01 -19.43 -5.00
CA PRO A 96 18.42 -19.66 -5.36
C PRO A 96 18.61 -19.98 -6.85
N GLU A 97 19.86 -19.84 -7.34
CA GLU A 97 20.24 -20.09 -8.73
C GLU A 97 19.79 -21.47 -9.20
N LYS A 98 19.95 -22.51 -8.34
CA LYS A 98 19.59 -23.90 -8.63
C LYS A 98 18.11 -24.10 -8.90
N LEU A 99 17.27 -23.38 -8.18
CA LEU A 99 15.82 -23.42 -8.36
C LEU A 99 15.44 -22.59 -9.59
N ALA A 100 16.22 -21.52 -9.85
CA ALA A 100 16.02 -20.60 -10.95
C ALA A 100 16.50 -21.12 -12.30
N GLN A 101 17.67 -21.82 -12.36
CA GLN A 101 18.25 -22.42 -13.56
C GLN A 101 17.26 -23.31 -14.31
N LYS A 102 16.41 -24.05 -13.55
CA LYS A 102 15.36 -24.96 -14.02
C LYS A 102 14.54 -24.35 -15.17
N ASN A 103 14.35 -23.02 -15.12
CA ASN A 103 13.66 -22.24 -16.13
C ASN A 103 14.53 -21.85 -17.34
N PRO A 104 14.04 -22.08 -18.60
CA PRO A 104 14.86 -21.74 -19.78
C PRO A 104 15.25 -20.27 -19.87
N MET A 105 14.35 -19.37 -19.40
CA MET A 105 14.51 -17.93 -19.39
C MET A 105 15.62 -17.41 -18.47
N TYR A 106 16.08 -18.22 -17.50
CA TYR A 106 17.15 -17.82 -16.58
C TYR A 106 18.47 -17.57 -17.30
N GLN A 107 18.86 -18.47 -18.23
CA GLN A 107 20.11 -18.33 -18.98
C GLN A 107 20.04 -17.18 -19.99
N LYS A 108 18.85 -16.91 -20.59
CA LYS A 108 18.72 -15.79 -21.52
C LYS A 108 18.66 -14.44 -20.85
N GLU A 109 18.19 -14.40 -19.59
CA GLU A 109 18.17 -13.15 -18.84
C GLU A 109 19.54 -12.88 -18.24
N ARG A 110 20.21 -13.92 -17.75
CA ARG A 110 21.58 -13.87 -17.22
C ARG A 110 22.64 -13.81 -18.35
N GLU A 111 22.19 -13.63 -19.61
CA GLU A 111 23.02 -13.52 -20.81
C GLU A 111 23.74 -12.16 -20.81
N THR A 112 23.01 -11.07 -20.49
CA THR A 112 23.57 -9.72 -20.40
C THR A 112 23.88 -9.40 -18.92
N PRO A 113 25.16 -9.15 -18.60
CA PRO A 113 25.54 -8.92 -17.20
C PRO A 113 25.03 -7.64 -16.53
N PRO A 114 25.03 -7.56 -15.16
CA PRO A 114 24.56 -6.34 -14.48
C PRO A 114 25.39 -5.11 -14.86
N ARG A 115 24.70 -4.10 -15.36
CA ARG A 115 25.32 -2.92 -15.91
C ARG A 115 24.55 -1.64 -15.66
N PHE A 116 25.13 -0.52 -16.05
CA PHE A 116 24.49 0.78 -16.02
C PHE A 116 24.29 1.20 -17.47
N ALA A 117 23.04 1.18 -17.95
CA ALA A 117 22.68 1.55 -19.33
C ALA A 117 22.94 3.05 -19.54
N GLN A 118 23.83 3.38 -20.48
CA GLN A 118 24.21 4.75 -20.78
C GLN A 118 23.36 5.38 -21.87
N HIS A 119 23.31 6.73 -21.91
CA HIS A 119 22.54 7.48 -22.90
C HIS A 119 22.96 7.10 -24.31
N GLY A 120 21.98 6.99 -25.20
CA GLY A 120 22.20 6.62 -26.60
C GLY A 120 21.68 5.24 -26.92
N THR A 121 21.70 4.35 -25.92
CA THR A 121 21.22 2.97 -26.04
C THR A 121 19.70 2.91 -26.10
N PHE A 122 19.16 1.83 -26.68
CA PHE A 122 17.72 1.56 -26.77
C PHE A 122 17.23 1.24 -25.35
N GLU A 123 18.12 0.61 -24.55
CA GLU A 123 17.93 0.22 -23.17
C GLU A 123 17.62 1.42 -22.28
N TYR A 124 18.43 2.50 -22.40
CA TYR A 124 18.27 3.74 -21.62
C TYR A 124 16.91 4.40 -21.89
N GLU A 125 16.46 4.48 -23.16
CA GLU A 125 15.16 5.09 -23.47
C GLU A 125 14.06 4.32 -22.74
N TYR A 126 14.04 2.98 -22.90
CA TYR A 126 13.02 2.13 -22.29
C TYR A 126 13.09 1.98 -20.78
N SER A 127 14.26 2.24 -20.19
CA SER A 127 14.46 2.22 -18.76
C SER A 127 14.02 3.54 -18.15
N GLN A 128 14.02 4.61 -18.96
CA GLN A 128 13.52 5.91 -18.53
C GLN A 128 12.00 5.89 -18.60
N ARG A 129 11.41 5.22 -19.64
CA ARG A 129 9.96 5.07 -19.78
C ARG A 129 9.36 4.19 -18.68
N TRP A 130 10.23 3.35 -18.11
CA TRP A 130 9.86 2.46 -17.00
C TRP A 130 9.90 3.27 -15.71
N LYS A 131 10.95 4.02 -15.43
CA LYS A 131 11.11 4.88 -14.26
C LYS A 131 10.00 5.93 -14.20
N SER A 132 9.52 6.37 -15.39
CA SER A 132 8.44 7.33 -15.60
C SER A 132 7.09 6.83 -15.05
N LEU A 133 6.82 5.53 -15.19
CA LEU A 133 5.61 4.87 -14.68
C LEU A 133 5.79 4.57 -13.19
N ASP A 134 7.04 4.32 -12.77
CA ASP A 134 7.39 4.04 -11.39
C ASP A 134 7.21 5.33 -10.57
N GLU A 135 7.59 6.47 -11.16
CA GLU A 135 7.38 7.78 -10.55
C GLU A 135 5.88 8.09 -10.49
N MET A 136 5.11 7.61 -11.48
CA MET A 136 3.66 7.79 -11.54
C MET A 136 3.00 7.01 -10.42
N GLU A 137 3.51 5.79 -10.13
CA GLU A 137 3.02 4.91 -9.07
C GLU A 137 3.21 5.57 -7.69
N LYS A 138 4.41 6.03 -7.38
CA LYS A 138 4.67 6.71 -6.12
C LYS A 138 3.81 7.94 -5.91
N GLN A 139 3.64 8.74 -6.93
CA GLN A 139 2.80 9.92 -6.87
C GLN A 139 1.32 9.57 -6.71
N GLN A 140 0.85 8.47 -7.36
CA GLN A 140 -0.55 8.03 -7.23
C GLN A 140 -0.81 7.43 -5.85
N ARG A 141 0.18 6.69 -5.30
CA ARG A 141 0.11 6.03 -4.00
C ARG A 141 0.28 7.03 -2.85
N GLU A 142 1.14 8.00 -3.01
CA GLU A 142 1.28 8.98 -1.98
C GLU A 142 0.05 9.86 -1.95
N GLN A 143 -0.54 10.10 -3.10
CA GLN A 143 -1.80 10.84 -3.23
C GLN A 143 -2.92 10.13 -2.46
N VAL A 144 -3.12 8.82 -2.72
CA VAL A 144 -4.13 7.97 -2.05
C VAL A 144 -3.98 8.02 -0.51
N GLU A 145 -2.73 7.89 0.00
CA GLU A 145 -2.48 7.95 1.44
C GLU A 145 -2.79 9.34 1.98
N LYS A 146 -2.40 10.41 1.27
CA LYS A 146 -2.67 11.79 1.69
C LYS A 146 -4.16 12.02 1.88
N ASN A 147 -4.98 11.70 0.87
CA ASN A 147 -6.44 11.82 0.92
C ASN A 147 -7.05 11.11 2.11
N MET A 148 -6.72 9.82 2.33
CA MET A 148 -7.28 9.08 3.45
C MET A 148 -6.77 9.53 4.80
N LYS A 149 -5.52 10.06 4.89
CA LYS A 149 -4.93 10.63 6.12
C LYS A 149 -5.78 11.84 6.52
N ASP A 150 -6.17 12.66 5.52
CA ASP A 150 -7.02 13.83 5.70
C ASP A 150 -8.48 13.48 6.05
N ALA A 151 -9.09 12.50 5.33
CA ALA A 151 -10.46 12.03 5.57
C ALA A 151 -10.59 11.39 6.95
N LYS A 152 -9.60 10.55 7.33
CA LYS A 152 -9.53 9.90 8.64
C LYS A 152 -9.23 10.93 9.73
N ASP A 153 -8.70 12.11 9.34
CA ASP A 153 -8.48 13.20 10.30
C ASP A 153 -9.75 14.05 10.42
N LYS A 154 -10.47 14.26 9.28
CA LYS A 154 -11.75 14.98 9.22
C LYS A 154 -12.86 14.16 9.93
N LEU A 155 -12.60 12.87 10.23
CA LEU A 155 -13.52 11.99 10.95
C LEU A 155 -13.24 12.08 12.47
N GLU A 156 -11.95 12.17 12.83
CA GLU A 156 -11.45 12.30 14.21
C GLU A 156 -11.84 13.68 14.77
N SER A 157 -11.89 14.70 13.93
CA SER A 157 -12.33 16.02 14.37
C SER A 157 -13.82 15.96 14.68
N GLU A 158 -14.58 15.44 13.72
CA GLU A 158 -16.02 15.20 13.85
C GLU A 158 -16.56 14.38 15.01
N MET A 159 -15.72 13.47 15.52
CA MET A 159 -15.98 12.62 16.68
C MET A 159 -15.92 13.52 17.93
N GLU A 160 -15.00 14.52 17.92
CA GLU A 160 -14.82 15.53 18.97
C GLU A 160 -16.02 16.46 18.99
N ASP A 161 -16.55 16.80 17.79
CA ASP A 161 -17.74 17.62 17.61
C ASP A 161 -18.93 16.87 18.24
N ALA A 162 -19.07 15.57 17.92
CA ALA A 162 -20.12 14.69 18.44
C ALA A 162 -19.99 14.47 19.95
N TYR A 163 -18.75 14.42 20.47
CA TYR A 163 -18.49 14.24 21.90
C TYR A 163 -18.97 15.46 22.68
N HIS A 164 -18.78 16.67 22.14
CA HIS A 164 -19.22 17.90 22.80
C HIS A 164 -20.71 18.14 22.72
N GLU A 165 -21.35 17.76 21.60
CA GLU A 165 -22.80 17.89 21.40
C GLU A 165 -23.57 16.91 22.29
N HIS A 166 -22.89 15.82 22.71
CA HIS A 166 -23.43 14.79 23.62
C HIS A 166 -23.55 15.39 25.01
N GLN A 167 -22.51 16.13 25.46
CA GLN A 167 -22.48 16.83 26.75
C GLN A 167 -23.55 17.92 26.73
N ALA A 168 -23.72 18.59 25.58
CA ALA A 168 -24.72 19.64 25.31
C ALA A 168 -26.14 19.08 25.40
N ASN A 169 -26.30 17.76 25.17
CA ASN A 169 -27.58 17.06 25.25
C ASN A 169 -27.71 16.28 26.54
N LEU A 170 -26.56 15.98 27.19
CA LEU A 170 -26.48 15.28 28.48
C LEU A 170 -26.94 16.23 29.58
N LEU A 171 -26.50 17.52 29.50
CA LEU A 171 -26.88 18.56 30.46
C LEU A 171 -28.26 19.14 30.15
N ARG A 172 -28.67 19.16 28.86
CA ARG A 172 -30.00 19.62 28.43
C ARG A 172 -31.06 18.60 28.80
N GLN A 173 -30.65 17.33 29.03
CA GLN A 173 -31.50 16.23 29.48
C GLN A 173 -31.87 16.46 30.94
N ASP A 174 -30.89 16.91 31.76
CA ASP A 174 -31.02 17.23 33.18
C ASP A 174 -32.06 18.33 33.42
N LEU A 175 -32.05 19.37 32.57
CA LEU A 175 -32.99 20.49 32.67
C LEU A 175 -34.41 20.01 32.43
N MET A 176 -34.62 19.09 31.47
CA MET A 176 -35.91 18.47 31.12
C MET A 176 -36.44 17.60 32.28
N ARG A 177 -35.51 16.99 33.06
CA ARG A 177 -35.78 16.14 34.23
C ARG A 177 -36.18 17.02 35.43
N ARG A 178 -35.51 18.19 35.61
CA ARG A 178 -35.81 19.14 36.67
C ARG A 178 -37.22 19.68 36.46
N GLN A 179 -37.58 20.05 35.21
CA GLN A 179 -38.90 20.53 34.80
C GLN A 179 -40.01 19.49 35.12
N GLU A 180 -39.62 18.20 35.25
CA GLU A 180 -40.48 17.07 35.59
C GLU A 180 -40.46 16.84 37.13
N GLU A 181 -39.31 17.09 37.81
CA GLU A 181 -39.18 16.98 39.28
C GLU A 181 -40.11 18.01 39.95
N LEU A 182 -40.05 19.27 39.49
CA LEU A 182 -40.88 20.38 39.96
C LEU A 182 -42.35 20.12 39.61
N ARG A 183 -42.62 19.46 38.46
CA ARG A 183 -43.96 19.07 38.03
C ARG A 183 -44.56 18.09 39.06
N ARG A 184 -43.73 17.22 39.61
CA ARG A 184 -44.22 16.31 40.61
C ARG A 184 -44.36 16.98 41.95
N MET A 185 -43.40 17.81 42.31
CA MET A 185 -43.49 18.58 43.55
C MET A 185 -44.74 19.46 43.54
N GLU A 186 -45.07 20.05 42.37
CA GLU A 186 -46.27 20.86 42.16
C GLU A 186 -47.50 19.98 42.40
N GLU A 187 -47.52 18.77 41.79
CA GLU A 187 -48.58 17.79 41.92
C GLU A 187 -48.71 17.29 43.36
N LEU A 188 -47.56 16.99 44.06
CA LEU A 188 -47.49 16.54 45.46
C LEU A 188 -48.10 17.57 46.41
N HIS A 189 -47.73 18.84 46.22
CA HIS A 189 -48.22 19.96 47.00
C HIS A 189 -49.71 20.16 46.75
N ASN A 190 -50.14 20.22 45.45
CA ASN A 190 -51.54 20.35 45.04
C ASN A 190 -52.40 19.21 45.57
N GLN A 191 -51.77 18.05 45.80
CA GLN A 191 -52.41 16.89 46.40
C GLN A 191 -52.46 17.08 47.93
N GLU A 192 -51.36 17.56 48.57
CA GLU A 192 -51.34 17.80 50.03
C GLU A 192 -52.21 18.98 50.52
N MET A 193 -52.68 19.82 49.59
CA MET A 193 -53.58 20.93 49.89
C MET A 193 -55.02 20.46 49.73
N GLN A 194 -55.28 19.59 48.72
CA GLN A 194 -56.59 18.96 48.46
C GLN A 194 -57.00 18.08 49.66
N LYS A 195 -55.98 17.53 50.35
CA LYS A 195 -56.08 16.69 51.54
C LYS A 195 -56.48 17.59 52.71
N ARG A 196 -55.82 18.76 52.85
CA ARG A 196 -56.10 19.75 53.89
C ARG A 196 -57.49 20.36 53.75
N LYS A 197 -57.96 20.54 52.49
CA LYS A 197 -59.30 21.06 52.18
C LYS A 197 -60.35 20.07 52.68
N GLU A 198 -60.18 18.76 52.32
CA GLU A 198 -61.02 17.62 52.71
C GLU A 198 -61.18 17.55 54.24
N MET A 199 -60.09 17.88 54.94
CA MET A 199 -60.00 17.84 56.40
C MET A 199 -60.62 19.00 57.13
N GLN A 200 -60.48 20.18 56.55
CA GLN A 200 -61.10 21.41 57.04
C GLN A 200 -62.62 21.31 57.07
N LEU A 201 -63.24 20.80 55.98
CA LEU A 201 -64.69 20.63 55.82
C LEU A 201 -65.27 19.56 56.76
N ARG A 202 -64.41 18.62 57.18
CA ARG A 202 -64.73 17.53 58.10
C ARG A 202 -64.59 18.01 59.54
N GLN A 203 -63.58 18.88 59.81
CA GLN A 203 -63.38 19.45 61.15
C GLN A 203 -64.49 20.44 61.48
N GLU A 204 -64.94 21.18 60.45
CA GLU A 204 -66.04 22.13 60.51
C GLU A 204 -67.34 21.38 60.80
N GLU A 205 -67.61 20.27 60.06
CA GLU A 205 -68.81 19.44 60.25
C GLU A 205 -68.86 18.82 61.64
N GLU A 206 -67.68 18.40 62.19
CA GLU A 206 -67.55 17.84 63.53
C GLU A 206 -67.95 18.88 64.59
N ARG A 207 -67.50 20.15 64.40
CA ARG A 207 -67.82 21.31 65.25
C ARG A 207 -69.29 21.65 65.10
N ARG A 208 -69.80 21.62 63.88
CA ARG A 208 -71.20 21.93 63.64
C ARG A 208 -72.12 20.90 64.24
N ARG A 209 -71.79 19.62 64.07
CA ARG A 209 -72.59 18.54 64.66
C ARG A 209 -72.72 18.69 66.17
N ARG A 210 -71.59 19.02 66.86
CA ARG A 210 -71.57 19.22 68.30
C ARG A 210 -72.55 20.33 68.68
N GLU A 211 -72.51 21.47 67.96
CA GLU A 211 -73.39 22.63 68.13
C GLU A 211 -74.86 22.15 68.06
N GLU A 212 -75.22 21.40 67.00
CA GLU A 212 -76.57 20.85 66.76
C GLU A 212 -76.99 19.85 67.82
N GLU A 213 -76.10 18.88 68.15
CA GLU A 213 -76.34 17.85 69.18
C GLU A 213 -76.57 18.46 70.55
N MET A 214 -75.96 19.63 70.81
CA MET A 214 -76.12 20.36 72.07
C MET A 214 -77.54 20.86 72.20
N MET A 215 -78.08 21.51 71.13
CA MET A 215 -79.45 22.04 71.07
C MET A 215 -80.51 20.95 71.24
N ILE A 216 -80.27 19.77 70.64
CA ILE A 216 -81.15 18.61 70.78
C ILE A 216 -81.09 18.14 72.25
N ARG A 217 -79.87 18.07 72.86
CA ARG A 217 -79.69 17.68 74.27
C ARG A 217 -80.37 18.68 75.25
N GLN A 218 -80.42 19.98 74.91
CA GLN A 218 -81.04 21.04 75.71
C GLN A 218 -82.57 21.01 75.61
N ARG A 219 -83.11 20.88 74.38
CA ARG A 219 -84.55 20.77 74.12
C ARG A 219 -85.09 19.54 74.85
N GLU A 220 -84.39 18.39 74.68
CA GLU A 220 -84.73 17.10 75.29
C GLU A 220 -84.74 17.17 76.83
N MET A 221 -83.86 17.98 77.44
CA MET A 221 -83.83 18.15 78.88
C MET A 221 -84.95 19.07 79.35
N GLU A 222 -85.20 20.18 78.62
CA GLU A 222 -86.25 21.16 78.93
C GLU A 222 -87.64 20.53 78.78
N GLU A 223 -87.86 19.77 77.69
CA GLU A 223 -89.12 19.06 77.42
C GLU A 223 -89.40 17.99 78.51
N GLN A 224 -88.34 17.39 79.06
CA GLN A 224 -88.37 16.40 80.12
C GLN A 224 -88.70 17.04 81.47
N MET A 225 -88.10 18.22 81.75
CA MET A 225 -88.28 19.01 82.98
C MET A 225 -89.70 19.56 83.10
N ARG A 226 -90.25 20.01 81.95
CA ARG A 226 -91.61 20.55 81.82
C ARG A 226 -92.63 19.42 82.02
N ARG A 227 -92.24 18.16 81.70
CA ARG A 227 -93.06 16.96 81.89
C ARG A 227 -93.11 16.65 83.39
N GLN A 228 -91.94 16.60 84.06
CA GLN A 228 -91.77 16.30 85.48
C GLN A 228 -92.56 17.21 86.41
N ARG A 229 -92.61 18.53 86.12
CA ARG A 229 -93.37 19.49 86.92
C ARG A 229 -94.89 19.31 86.82
N GLU A 230 -95.39 18.87 85.64
CA GLU A 230 -96.82 18.62 85.37
C GLU A 230 -97.29 17.31 85.99
N GLU A 231 -96.44 16.26 85.92
CA GLU A 231 -96.69 14.90 86.45
C GLU A 231 -96.66 14.88 87.99
N SER A 232 -95.94 15.84 88.61
CA SER A 232 -95.83 16.00 90.07
C SER A 232 -96.87 17.00 90.62
N TYR A 233 -97.56 17.73 89.70
CA TYR A 233 -98.61 18.73 89.97
C TYR A 233 -99.96 18.02 90.13
N ALA B 6 21.79 -3.74 9.64
CA ALA B 6 22.33 -2.44 10.02
C ALA B 6 22.58 -1.53 8.79
N ALA B 7 23.25 -2.07 7.76
CA ALA B 7 23.56 -1.36 6.51
C ALA B 7 23.00 -2.17 5.34
N ALA B 8 21.67 -2.05 5.15
CA ALA B 8 20.92 -2.78 4.12
C ALA B 8 20.00 -1.86 3.32
N LEU B 9 19.67 -2.31 2.10
CA LEU B 9 18.79 -1.61 1.15
C LEU B 9 17.75 -2.56 0.60
N SER B 10 16.57 -2.03 0.28
CA SER B 10 15.46 -2.81 -0.26
C SER B 10 15.64 -2.62 -1.76
N VAL B 11 15.55 -3.72 -2.50
CA VAL B 11 15.64 -3.70 -3.96
C VAL B 11 14.28 -4.07 -4.50
N ARG B 12 13.73 -3.26 -5.39
CA ARG B 12 12.35 -3.44 -5.79
C ARG B 12 12.42 -3.50 -7.29
N ASN B 13 11.40 -4.06 -7.90
CA ASN B 13 11.35 -4.20 -9.33
C ASN B 13 12.40 -5.14 -9.87
N LEU B 14 12.48 -6.32 -9.29
CA LEU B 14 13.26 -7.37 -9.87
C LEU B 14 12.37 -8.13 -10.83
N SER B 15 12.94 -9.06 -11.56
CA SER B 15 12.19 -9.85 -12.51
C SER B 15 12.10 -11.25 -11.99
N PRO B 16 10.93 -11.93 -12.34
CA PRO B 16 10.82 -13.25 -11.70
C PRO B 16 12.03 -14.18 -11.85
N TYR B 17 12.86 -13.88 -12.82
CA TYR B 17 14.07 -14.64 -13.15
C TYR B 17 15.30 -14.21 -12.33
N VAL B 18 15.16 -13.17 -11.48
CA VAL B 18 16.29 -12.72 -10.68
C VAL B 18 16.42 -13.63 -9.44
N SER B 19 17.60 -14.25 -9.26
CA SER B 19 17.94 -15.14 -8.15
C SER B 19 18.69 -14.38 -7.03
N ASN B 20 18.95 -15.04 -5.87
CA ASN B 20 19.72 -14.43 -4.76
C ASN B 20 21.17 -14.32 -5.21
N GLU B 21 21.62 -15.34 -5.98
CA GLU B 21 22.96 -15.47 -6.56
C GLU B 21 23.25 -14.40 -7.61
N LEU B 22 22.18 -13.94 -8.32
CA LEU B 22 22.28 -12.86 -9.31
C LEU B 22 22.44 -11.52 -8.56
N LEU B 23 21.64 -11.30 -7.50
CA LEU B 23 21.65 -10.13 -6.63
C LEU B 23 23.00 -9.93 -5.95
N GLU B 24 23.59 -11.02 -5.39
CA GLU B 24 24.90 -11.07 -4.74
C GLU B 24 25.97 -10.56 -5.71
N GLU B 25 25.94 -11.08 -6.95
CA GLU B 25 26.85 -10.75 -8.04
C GLU B 25 26.63 -9.33 -8.58
N ALA B 26 25.36 -8.88 -8.68
CA ALA B 26 24.97 -7.57 -9.21
C ALA B 26 25.40 -6.40 -8.35
N PHE B 27 25.10 -6.47 -7.03
CA PHE B 27 25.40 -5.41 -6.08
C PHE B 27 26.83 -5.40 -5.54
N SER B 28 27.63 -6.44 -5.88
CA SER B 28 29.06 -6.55 -5.51
C SER B 28 29.87 -5.42 -6.19
N GLN B 29 29.26 -4.84 -7.26
CA GLN B 29 29.73 -3.73 -8.10
C GLN B 29 29.88 -2.38 -7.35
N PHE B 30 29.31 -2.28 -6.13
CA PHE B 30 29.35 -1.07 -5.30
C PHE B 30 30.18 -1.24 -4.03
N GLY B 31 30.23 -2.47 -3.52
CA GLY B 31 30.97 -2.84 -2.32
C GLY B 31 30.76 -4.28 -1.90
N PRO B 32 31.34 -4.71 -0.75
CA PRO B 32 31.15 -6.10 -0.29
C PRO B 32 29.74 -6.44 0.22
N ILE B 33 29.16 -7.53 -0.33
CA ILE B 33 27.83 -8.04 0.03
C ILE B 33 27.94 -9.05 1.16
N GLU B 34 27.37 -8.71 2.32
CA GLU B 34 27.37 -9.61 3.46
C GLU B 34 26.28 -10.68 3.20
N ARG B 35 25.07 -10.23 2.79
CA ARG B 35 23.92 -11.09 2.50
C ARG B 35 22.99 -10.47 1.43
N ALA B 36 22.50 -11.29 0.48
CA ALA B 36 21.58 -10.84 -0.57
C ALA B 36 20.49 -11.88 -0.80
N VAL B 37 19.22 -11.46 -0.69
CA VAL B 37 18.09 -12.39 -0.82
C VAL B 37 16.94 -11.81 -1.64
N VAL B 38 16.18 -12.71 -2.28
CA VAL B 38 14.98 -12.40 -3.05
C VAL B 38 13.82 -12.75 -2.12
N ILE B 39 12.84 -11.85 -1.97
CA ILE B 39 11.67 -12.13 -1.14
C ILE B 39 10.75 -13.01 -2.01
N VAL B 40 10.35 -14.16 -1.47
CA VAL B 40 9.53 -15.11 -2.18
C VAL B 40 8.41 -15.63 -1.33
N ASP B 41 7.29 -15.87 -1.98
CA ASP B 41 6.06 -16.33 -1.30
C ASP B 41 6.13 -17.82 -0.89
N ASP B 42 5.16 -18.27 -0.06
CA ASP B 42 5.05 -19.66 0.44
C ASP B 42 5.08 -20.76 -0.65
N ARG B 43 4.63 -20.41 -1.89
CA ARG B 43 4.61 -21.32 -3.05
C ARG B 43 5.93 -21.26 -3.90
N GLY B 44 6.97 -20.67 -3.32
CA GLY B 44 8.31 -20.56 -3.92
C GLY B 44 8.57 -19.47 -4.94
N ARG B 45 7.50 -18.83 -5.47
CA ARG B 45 7.60 -17.79 -6.52
C ARG B 45 8.13 -16.44 -6.01
N SER B 46 8.74 -15.65 -6.92
CA SER B 46 9.32 -14.33 -6.66
C SER B 46 8.26 -13.24 -6.42
N THR B 47 8.51 -12.36 -5.43
CA THR B 47 7.61 -11.26 -5.06
C THR B 47 7.85 -10.00 -5.89
N GLY B 48 9.11 -9.80 -6.31
CA GLY B 48 9.56 -8.63 -7.06
C GLY B 48 10.36 -7.68 -6.21
N LYS B 49 10.49 -8.00 -4.91
CA LYS B 49 11.24 -7.26 -3.90
C LYS B 49 12.49 -8.06 -3.50
N GLY B 50 13.47 -7.40 -2.91
CA GLY B 50 14.72 -8.02 -2.49
C GLY B 50 15.44 -7.25 -1.39
N ILE B 51 16.43 -7.89 -0.75
CA ILE B 51 17.20 -7.30 0.35
C ILE B 51 18.70 -7.51 0.12
N VAL B 52 19.46 -6.41 0.11
CA VAL B 52 20.92 -6.43 -0.06
C VAL B 52 21.64 -5.86 1.15
N GLU B 53 22.11 -6.76 2.02
CA GLU B 53 22.82 -6.39 3.24
C GLU B 53 24.32 -6.30 2.94
N PHE B 54 24.87 -5.09 3.05
CA PHE B 54 26.28 -4.77 2.84
C PHE B 54 27.02 -4.86 4.18
N ALA B 55 28.35 -4.84 4.13
CA ALA B 55 29.17 -4.90 5.35
C ALA B 55 29.16 -3.56 6.11
N SER B 56 29.38 -2.44 5.40
CA SER B 56 29.42 -1.08 5.96
C SER B 56 28.42 -0.11 5.28
N LYS B 57 28.04 0.97 6.00
CA LYS B 57 27.13 2.02 5.53
C LYS B 57 27.65 2.76 4.29
N PRO B 58 28.97 3.11 4.14
CA PRO B 58 29.41 3.79 2.90
C PRO B 58 29.23 2.94 1.64
N ALA B 59 29.33 1.58 1.77
CA ALA B 59 29.15 0.62 0.67
C ALA B 59 27.71 0.70 0.13
N ALA B 60 26.73 0.72 1.07
CA ALA B 60 25.30 0.82 0.80
C ALA B 60 24.93 2.22 0.32
N ARG B 61 25.68 3.24 0.75
CA ARG B 61 25.48 4.64 0.35
C ARG B 61 25.74 4.78 -1.14
N LYS B 62 26.92 4.26 -1.60
CA LYS B 62 27.36 4.26 -3.00
C LYS B 62 26.34 3.55 -3.88
N ALA B 63 25.82 2.39 -3.40
CA ALA B 63 24.82 1.57 -4.08
C ALA B 63 23.51 2.31 -4.24
N PHE B 64 23.03 2.95 -3.15
CA PHE B 64 21.77 3.69 -3.18
C PHE B 64 21.88 4.92 -4.10
N GLU B 65 22.93 5.74 -3.89
CA GLU B 65 23.18 6.97 -4.66
C GLU B 65 23.32 6.74 -6.16
N ARG B 66 24.13 5.75 -6.58
CA ARG B 66 24.36 5.43 -7.99
C ARG B 66 23.10 4.94 -8.70
N CYS B 67 22.28 4.11 -8.02
CA CYS B 67 21.04 3.56 -8.59
C CYS B 67 19.90 4.57 -8.68
N SER B 68 20.00 5.66 -7.92
CA SER B 68 19.07 6.77 -7.90
C SER B 68 19.45 7.69 -9.05
N GLU B 69 20.78 7.96 -9.17
CA GLU B 69 21.44 8.80 -10.18
C GLU B 69 21.31 8.17 -11.58
N GLY B 70 21.88 6.96 -11.75
CA GLY B 70 21.89 6.22 -13.01
C GLY B 70 20.77 5.21 -13.15
N VAL B 71 20.92 4.30 -14.14
CA VAL B 71 19.96 3.24 -14.45
C VAL B 71 20.66 1.88 -14.30
N PHE B 72 20.34 1.14 -13.21
CA PHE B 72 20.98 -0.14 -12.95
C PHE B 72 20.13 -1.33 -13.39
N LEU B 73 20.61 -2.02 -14.44
CA LEU B 73 19.94 -3.19 -15.00
C LEU B 73 20.68 -4.46 -14.58
N LEU B 74 19.93 -5.54 -14.32
CA LEU B 74 20.46 -6.82 -13.85
C LEU B 74 20.36 -7.92 -14.91
N THR B 75 19.42 -7.78 -15.85
CA THR B 75 19.16 -8.79 -16.89
C THR B 75 19.20 -8.20 -18.29
N THR B 76 18.95 -9.07 -19.30
CA THR B 76 18.90 -8.72 -20.73
C THR B 76 17.76 -7.72 -20.96
N THR B 77 16.58 -7.96 -20.33
CA THR B 77 15.41 -7.07 -20.42
C THR B 77 15.73 -5.76 -19.67
N PRO B 78 15.47 -4.58 -20.29
CA PRO B 78 15.80 -3.32 -19.63
C PRO B 78 14.84 -2.89 -18.51
N ARG B 79 14.85 -3.66 -17.39
CA ARG B 79 14.03 -3.38 -16.20
C ARG B 79 14.92 -2.70 -15.12
N PRO B 80 14.69 -1.40 -14.85
CA PRO B 80 15.57 -0.69 -13.89
C PRO B 80 15.27 -1.00 -12.42
N VAL B 81 16.27 -1.56 -11.73
CA VAL B 81 16.18 -1.93 -10.33
C VAL B 81 16.06 -0.68 -9.43
N ILE B 82 14.90 -0.56 -8.75
CA ILE B 82 14.56 0.53 -7.83
C ILE B 82 15.17 0.23 -6.46
N VAL B 83 16.29 0.88 -6.16
CA VAL B 83 16.99 0.71 -4.89
C VAL B 83 16.59 1.83 -3.92
N GLU B 84 16.11 1.43 -2.73
CA GLU B 84 15.68 2.32 -1.64
C GLU B 84 16.34 1.87 -0.34
N PRO B 85 16.55 2.75 0.67
CA PRO B 85 17.15 2.27 1.93
C PRO B 85 16.15 1.42 2.72
N LEU B 86 16.65 0.36 3.38
CA LEU B 86 15.82 -0.57 4.13
C LEU B 86 15.33 -0.02 5.45
N GLU B 87 13.99 0.09 5.57
CA GLU B 87 13.27 0.58 6.74
C GLU B 87 13.39 -0.46 7.86
N GLN B 88 14.25 -0.22 8.82
CA GLN B 88 14.46 -1.18 9.87
C GLN B 88 13.41 -1.04 10.95
N LEU B 89 12.68 -2.13 11.15
CA LEU B 89 11.57 -2.25 12.11
C LEU B 89 11.84 -3.45 13.02
N ASP B 90 11.72 -3.24 14.33
CA ASP B 90 11.98 -4.24 15.37
C ASP B 90 10.72 -4.95 15.86
N ASP B 91 10.79 -6.29 15.93
CA ASP B 91 9.75 -7.21 16.41
C ASP B 91 10.31 -8.12 17.53
N GLU B 92 11.65 -8.16 17.68
CA GLU B 92 12.38 -8.95 18.68
C GLU B 92 12.11 -8.45 20.11
N ASP B 93 12.10 -7.11 20.32
CA ASP B 93 11.89 -6.48 21.62
C ASP B 93 10.55 -5.74 21.74
N GLY B 94 10.13 -5.08 20.64
CA GLY B 94 8.87 -4.34 20.55
C GLY B 94 8.74 -3.16 21.49
N LEU B 95 7.52 -2.93 22.02
CA LEU B 95 7.23 -1.85 22.97
C LEU B 95 6.85 -2.41 24.36
N PRO B 96 7.85 -2.63 25.25
CA PRO B 96 7.52 -3.14 26.60
C PRO B 96 6.83 -2.09 27.46
N GLU B 97 6.07 -2.54 28.46
CA GLU B 97 5.32 -1.72 29.42
C GLU B 97 6.26 -0.83 30.26
N LYS B 98 7.46 -1.36 30.59
CA LYS B 98 8.49 -0.68 31.39
C LYS B 98 8.97 0.65 30.78
N LEU B 99 9.31 0.65 29.47
CA LEU B 99 9.75 1.85 28.78
C LEU B 99 8.60 2.59 28.07
N ALA B 100 7.38 2.33 28.48
CA ALA B 100 6.21 2.98 27.88
C ALA B 100 5.97 4.05 28.95
N GLN B 101 6.30 5.29 28.61
CA GLN B 101 6.15 6.41 29.53
C GLN B 101 4.69 6.68 29.88
N LYS B 102 4.43 6.91 31.17
CA LYS B 102 3.09 7.22 31.65
C LYS B 102 2.74 8.71 31.70
N ASN B 103 2.92 9.39 30.57
CA ASN B 103 2.63 10.81 30.48
C ASN B 103 1.14 10.98 30.74
N PRO B 104 0.67 12.22 30.75
CA PRO B 104 -0.76 12.50 30.89
C PRO B 104 -1.50 11.85 29.73
N MET B 105 -0.73 11.34 28.78
CA MET B 105 -1.28 10.66 27.62
C MET B 105 -1.33 9.14 27.73
N TYR B 106 -0.45 8.58 28.56
CA TYR B 106 -0.40 7.13 28.76
C TYR B 106 -1.32 6.70 29.91
N GLN B 107 -1.28 7.45 31.04
CA GLN B 107 -2.10 7.21 32.24
C GLN B 107 -3.57 7.25 31.88
N LYS B 108 -3.98 8.32 31.15
CA LYS B 108 -5.35 8.56 30.68
C LYS B 108 -5.85 7.49 29.72
N GLU B 109 -4.95 6.91 28.88
CA GLU B 109 -5.29 5.87 27.92
C GLU B 109 -5.51 4.51 28.59
N ARG B 110 -4.87 4.28 29.76
CA ARG B 110 -5.00 3.06 30.55
C ARG B 110 -6.32 3.03 31.35
N GLU B 111 -6.94 4.22 31.54
CA GLU B 111 -8.19 4.45 32.29
C GLU B 111 -9.45 3.78 31.70
N THR B 112 -9.30 3.06 30.56
CA THR B 112 -10.36 2.29 29.89
C THR B 112 -9.75 0.96 29.42
N PRO B 113 -10.36 -0.20 29.73
CA PRO B 113 -9.73 -1.48 29.36
C PRO B 113 -10.10 -2.02 27.96
N PRO B 114 -9.34 -3.04 27.43
CA PRO B 114 -9.69 -3.61 26.11
C PRO B 114 -11.12 -4.12 26.10
N ARG B 115 -11.95 -3.44 25.31
CA ARG B 115 -13.38 -3.72 25.24
C ARG B 115 -13.92 -3.75 23.82
N PHE B 116 -15.15 -4.24 23.67
CA PHE B 116 -15.89 -4.26 22.42
C PHE B 116 -16.99 -3.22 22.54
N ALA B 117 -16.96 -2.18 21.68
CA ALA B 117 -17.97 -1.11 21.68
C ALA B 117 -19.31 -1.63 21.18
N GLN B 118 -20.39 -1.17 21.80
CA GLN B 118 -21.71 -1.61 21.44
C GLN B 118 -22.53 -0.52 20.76
N HIS B 119 -23.48 -0.93 19.93
CA HIS B 119 -24.30 -0.03 19.10
C HIS B 119 -24.94 1.15 19.85
N GLY B 120 -25.04 2.28 19.18
CA GLY B 120 -25.65 3.49 19.74
C GLY B 120 -24.57 4.45 20.18
N THR B 121 -23.63 3.95 21.01
CA THR B 121 -22.49 4.73 21.53
C THR B 121 -21.68 5.29 20.36
N PHE B 122 -21.39 6.60 20.39
CA PHE B 122 -20.61 7.29 19.35
C PHE B 122 -19.26 6.60 19.09
N GLU B 123 -18.73 5.83 20.08
CA GLU B 123 -17.48 5.06 19.97
C GLU B 123 -17.61 4.01 18.84
N TYR B 124 -18.70 3.27 18.85
CA TYR B 124 -18.94 2.27 17.85
C TYR B 124 -19.29 2.97 16.57
N GLU B 125 -20.30 3.82 16.61
CA GLU B 125 -20.72 4.50 15.41
C GLU B 125 -19.55 5.20 14.79
N TYR B 126 -18.64 5.72 15.60
CA TYR B 126 -17.49 6.39 15.03
C TYR B 126 -16.31 5.46 14.98
N SER B 127 -16.59 4.18 15.06
CA SER B 127 -15.56 3.16 14.90
C SER B 127 -15.64 2.52 13.52
N GLN B 128 -16.84 2.10 13.14
CA GLN B 128 -17.05 1.47 11.84
C GLN B 128 -16.92 2.49 10.70
N ARG B 129 -17.31 3.70 11.00
CA ARG B 129 -17.27 4.78 10.06
C ARG B 129 -15.86 5.03 9.61
N TRP B 130 -14.92 4.71 10.47
CA TRP B 130 -13.49 4.82 10.23
C TRP B 130 -13.06 3.62 9.39
N LYS B 131 -13.46 2.40 9.82
CA LYS B 131 -13.18 1.12 9.17
C LYS B 131 -13.56 1.22 7.68
N SER B 132 -14.74 1.86 7.41
CA SER B 132 -15.28 2.14 6.09
C SER B 132 -14.25 2.89 5.23
N LEU B 133 -13.62 3.96 5.79
CA LEU B 133 -12.59 4.77 5.11
C LEU B 133 -11.32 3.95 4.90
N ASP B 134 -10.93 3.12 5.89
CA ASP B 134 -9.78 2.24 5.81
C ASP B 134 -9.98 1.22 4.68
N GLU B 135 -11.23 0.75 4.49
CA GLU B 135 -11.62 -0.17 3.43
C GLU B 135 -11.53 0.54 2.07
N MET B 136 -11.80 1.85 2.04
CA MET B 136 -11.68 2.66 0.82
C MET B 136 -10.20 2.84 0.43
N GLU B 137 -9.32 3.03 1.45
CA GLU B 137 -7.86 3.19 1.33
C GLU B 137 -7.26 1.92 0.73
N LYS B 138 -7.62 0.75 1.30
CA LYS B 138 -7.20 -0.57 0.84
C LYS B 138 -7.60 -0.76 -0.64
N GLN B 139 -8.87 -0.47 -0.98
CA GLN B 139 -9.45 -0.58 -2.32
C GLN B 139 -8.76 0.36 -3.31
N GLN B 140 -8.45 1.59 -2.87
CA GLN B 140 -7.77 2.58 -3.69
C GLN B 140 -6.33 2.17 -3.93
N ARG B 141 -5.61 1.69 -2.86
CA ARG B 141 -4.22 1.20 -2.93
C ARG B 141 -4.10 0.06 -3.95
N GLU B 142 -5.04 -0.91 -3.93
CA GLU B 142 -5.08 -2.04 -4.86
C GLU B 142 -5.26 -1.54 -6.29
N GLN B 143 -6.17 -0.62 -6.53
CA GLN B 143 -6.42 -0.14 -7.87
C GLN B 143 -5.23 0.53 -8.50
N VAL B 144 -4.51 1.29 -7.72
CA VAL B 144 -3.27 1.92 -8.22
C VAL B 144 -2.34 0.82 -8.74
N GLU B 145 -1.93 -0.10 -7.84
CA GLU B 145 -1.03 -1.24 -8.13
C GLU B 145 -1.51 -2.06 -9.31
N LYS B 146 -2.84 -2.25 -9.44
CA LYS B 146 -3.42 -2.98 -10.55
C LYS B 146 -3.32 -2.19 -11.85
N ASN B 147 -3.58 -0.87 -11.82
CA ASN B 147 -3.45 -0.01 -13.01
C ASN B 147 -2.00 0.14 -13.48
N MET B 148 -1.04 0.26 -12.53
CA MET B 148 0.37 0.38 -12.88
C MET B 148 0.99 -0.94 -13.38
N LYS B 149 0.50 -2.09 -12.85
CA LYS B 149 0.92 -3.42 -13.30
C LYS B 149 0.43 -3.59 -14.75
N ASP B 150 -0.84 -3.25 -15.02
CA ASP B 150 -1.44 -3.29 -16.36
C ASP B 150 -0.68 -2.39 -17.33
N ALA B 151 -0.24 -1.19 -16.87
CA ALA B 151 0.51 -0.22 -17.69
C ALA B 151 1.94 -0.68 -17.99
N LYS B 152 2.65 -1.26 -16.99
CA LYS B 152 4.01 -1.77 -17.18
C LYS B 152 3.98 -2.97 -18.13
N ASP B 153 2.90 -3.79 -18.06
CA ASP B 153 2.67 -4.93 -18.93
C ASP B 153 2.43 -4.44 -20.38
N LYS B 154 1.74 -3.29 -20.55
CA LYS B 154 1.51 -2.66 -21.86
C LYS B 154 2.81 -2.04 -22.42
N LEU B 155 3.75 -1.64 -21.54
CA LEU B 155 5.06 -1.12 -21.93
C LEU B 155 5.99 -2.28 -22.35
N GLU B 156 5.95 -3.45 -21.63
CA GLU B 156 6.75 -4.61 -22.04
C GLU B 156 6.26 -5.21 -23.39
N SER B 157 4.98 -4.96 -23.77
CA SER B 157 4.37 -5.34 -25.04
C SER B 157 4.83 -4.41 -26.17
N GLU B 158 5.13 -3.13 -25.84
CA GLU B 158 5.62 -2.14 -26.80
C GLU B 158 7.11 -2.35 -27.01
N MET B 159 7.88 -2.53 -25.90
CA MET B 159 9.32 -2.80 -25.85
C MET B 159 9.65 -4.09 -26.64
N GLU B 160 8.68 -5.03 -26.67
CA GLU B 160 8.68 -6.31 -27.41
C GLU B 160 8.72 -6.00 -28.91
N ASP B 161 7.69 -5.28 -29.43
CA ASP B 161 7.55 -4.88 -30.83
C ASP B 161 8.64 -3.92 -31.29
N ALA B 162 9.15 -3.09 -30.36
CA ALA B 162 10.20 -2.11 -30.65
C ALA B 162 11.55 -2.76 -30.82
N TYR B 163 11.92 -3.73 -29.94
CA TYR B 163 13.21 -4.41 -30.05
C TYR B 163 13.28 -5.31 -31.28
N HIS B 164 12.12 -5.83 -31.75
CA HIS B 164 12.06 -6.64 -32.96
C HIS B 164 12.31 -5.74 -34.15
N GLU B 165 11.58 -4.62 -34.25
CA GLU B 165 11.69 -3.65 -35.36
C GLU B 165 13.10 -3.10 -35.52
N HIS B 166 13.79 -2.90 -34.40
CA HIS B 166 15.17 -2.45 -34.34
C HIS B 166 16.11 -3.49 -34.99
N GLN B 167 15.96 -4.78 -34.60
CA GLN B 167 16.72 -5.91 -35.13
C GLN B 167 16.40 -6.17 -36.61
N ALA B 168 15.09 -6.13 -36.98
CA ALA B 168 14.60 -6.30 -38.35
C ALA B 168 15.16 -5.20 -39.25
N ASN B 169 15.21 -3.95 -38.74
CA ASN B 169 15.76 -2.82 -39.48
C ASN B 169 17.28 -2.92 -39.59
N LEU B 170 17.99 -3.41 -38.52
CA LEU B 170 19.45 -3.60 -38.55
C LEU B 170 19.82 -4.53 -39.74
N LEU B 171 19.09 -5.66 -39.86
CA LEU B 171 19.28 -6.67 -40.89
C LEU B 171 18.82 -6.21 -42.27
N ARG B 172 17.67 -5.51 -42.38
CA ARG B 172 17.17 -4.95 -43.64
C ARG B 172 18.19 -3.96 -44.23
N GLN B 173 18.90 -3.23 -43.34
CA GLN B 173 19.95 -2.28 -43.71
C GLN B 173 21.29 -2.96 -44.05
N ASP B 174 21.64 -4.06 -43.34
CA ASP B 174 22.87 -4.81 -43.61
C ASP B 174 22.72 -5.56 -44.91
N LEU B 175 21.47 -5.86 -45.29
CA LEU B 175 21.10 -6.55 -46.52
C LEU B 175 21.28 -5.64 -47.72
N MET B 176 20.79 -4.39 -47.62
CA MET B 176 20.86 -3.37 -48.69
C MET B 176 22.29 -2.91 -49.03
N ARG B 177 23.22 -2.92 -48.04
CA ARG B 177 24.62 -2.58 -48.31
C ARG B 177 25.25 -3.73 -49.13
N ARG B 178 24.85 -4.98 -48.83
CA ARG B 178 25.30 -6.19 -49.50
C ARG B 178 24.69 -6.28 -50.90
N GLN B 179 23.48 -5.74 -51.10
CA GLN B 179 22.86 -5.68 -52.43
C GLN B 179 23.60 -4.64 -53.26
N GLU B 180 23.98 -3.50 -52.63
CA GLU B 180 24.71 -2.42 -53.31
C GLU B 180 26.14 -2.84 -53.63
N GLU B 181 26.87 -3.44 -52.66
CA GLU B 181 28.23 -3.96 -52.86
C GLU B 181 28.31 -4.86 -54.10
N LEU B 182 27.33 -5.79 -54.23
CA LEU B 182 27.18 -6.71 -55.37
C LEU B 182 26.95 -5.88 -56.65
N ARG B 183 25.96 -4.96 -56.64
CA ARG B 183 25.61 -4.07 -57.76
C ARG B 183 26.79 -3.24 -58.25
N ARG B 184 27.71 -2.89 -57.33
CA ARG B 184 28.92 -2.11 -57.62
C ARG B 184 30.05 -2.99 -58.17
N MET B 185 30.21 -4.22 -57.62
CA MET B 185 31.18 -5.22 -58.07
C MET B 185 30.84 -5.71 -59.47
N GLU B 186 29.53 -5.88 -59.77
CA GLU B 186 29.00 -6.28 -61.07
C GLU B 186 29.25 -5.20 -62.11
N GLU B 187 28.94 -3.93 -61.78
CA GLU B 187 29.12 -2.77 -62.68
C GLU B 187 30.58 -2.50 -62.99
N LEU B 188 31.47 -2.57 -61.99
CA LEU B 188 32.90 -2.38 -62.19
C LEU B 188 33.40 -3.37 -63.24
N HIS B 189 33.04 -4.67 -63.10
CA HIS B 189 33.40 -5.73 -64.06
C HIS B 189 32.78 -5.50 -65.43
N ASN B 190 31.56 -4.93 -65.48
CA ASN B 190 30.94 -4.61 -66.76
C ASN B 190 31.85 -3.62 -67.51
N GLN B 191 32.29 -2.53 -66.82
CA GLN B 191 33.20 -1.50 -67.33
C GLN B 191 34.55 -2.12 -67.72
N GLU B 192 35.13 -2.95 -66.81
CA GLU B 192 36.41 -3.64 -66.98
C GLU B 192 36.45 -4.57 -68.19
N MET B 193 35.30 -5.22 -68.51
CA MET B 193 35.10 -6.07 -69.68
C MET B 193 34.85 -5.21 -70.92
N GLN B 194 34.27 -4.01 -70.75
CA GLN B 194 34.02 -3.10 -71.86
C GLN B 194 35.31 -2.46 -72.39
N LYS B 195 36.29 -2.23 -71.49
CA LYS B 195 37.60 -1.68 -71.83
C LYS B 195 38.38 -2.77 -72.61
N ARG B 196 38.26 -4.05 -72.17
CA ARG B 196 38.89 -5.23 -72.75
C ARG B 196 38.32 -5.52 -74.14
N LYS B 197 37.00 -5.29 -74.32
CA LYS B 197 36.29 -5.47 -75.60
C LYS B 197 36.85 -4.48 -76.63
N GLU B 198 36.81 -3.17 -76.29
CA GLU B 198 37.30 -2.04 -77.08
C GLU B 198 38.76 -2.26 -77.49
N MET B 199 39.63 -2.61 -76.51
CA MET B 199 41.06 -2.90 -76.65
C MET B 199 41.32 -3.95 -77.72
N GLN B 200 40.61 -5.11 -77.62
CA GLN B 200 40.70 -6.24 -78.55
C GLN B 200 40.36 -5.80 -79.97
N LEU B 201 39.18 -5.19 -80.19
CA LEU B 201 38.73 -4.66 -81.50
C LEU B 201 39.73 -3.66 -82.10
N ARG B 202 40.37 -2.85 -81.23
CA ARG B 202 41.36 -1.83 -81.56
C ARG B 202 42.71 -2.46 -81.96
N GLN B 203 43.24 -3.39 -81.13
CA GLN B 203 44.49 -4.12 -81.39
C GLN B 203 44.36 -4.98 -82.66
N GLU B 204 43.10 -5.37 -83.00
CA GLU B 204 42.69 -6.12 -84.19
C GLU B 204 42.88 -5.25 -85.42
N GLU B 205 42.43 -3.98 -85.34
CA GLU B 205 42.56 -3.02 -86.45
C GLU B 205 43.99 -2.59 -86.66
N GLU B 206 44.80 -2.49 -85.57
CA GLU B 206 46.22 -2.15 -85.69
C GLU B 206 46.95 -3.26 -86.44
N ARG B 207 46.58 -4.53 -86.21
CA ARG B 207 47.10 -5.71 -86.91
C ARG B 207 46.59 -5.72 -88.37
N ARG B 208 45.27 -5.51 -88.57
CA ARG B 208 44.62 -5.48 -89.89
C ARG B 208 45.23 -4.40 -90.80
N ARG B 209 45.44 -3.18 -90.27
CA ARG B 209 46.00 -2.06 -91.02
C ARG B 209 47.46 -2.29 -91.38
N ARG B 210 48.27 -2.78 -90.39
CA ARG B 210 49.70 -3.07 -90.54
C ARG B 210 49.96 -4.04 -91.70
N GLU B 211 49.18 -5.13 -91.76
CA GLU B 211 49.25 -6.15 -92.81
C GLU B 211 48.92 -5.51 -94.17
N GLU B 212 47.86 -4.67 -94.23
CA GLU B 212 47.46 -3.94 -95.43
C GLU B 212 48.56 -2.96 -95.84
N GLU B 213 49.20 -2.30 -94.86
CA GLU B 213 50.28 -1.34 -95.08
C GLU B 213 51.55 -2.03 -95.59
N MET B 214 51.84 -3.25 -95.09
CA MET B 214 53.00 -4.04 -95.51
C MET B 214 52.83 -4.56 -96.94
N MET B 215 51.59 -4.90 -97.34
CA MET B 215 51.25 -5.39 -98.68
C MET B 215 51.33 -4.30 -99.73
N ILE B 216 50.87 -3.08 -99.39
CA ILE B 216 50.88 -1.89 -100.25
C ILE B 216 52.32 -1.38 -100.48
N ARG B 217 53.15 -1.35 -99.40
CA ARG B 217 54.57 -0.93 -99.44
C ARG B 217 55.46 -1.91 -100.20
N GLN B 218 55.00 -3.17 -100.36
CA GLN B 218 55.68 -4.21 -101.11
C GLN B 218 55.51 -3.93 -102.60
N ARG B 219 54.29 -3.54 -103.02
CA ARG B 219 53.97 -3.16 -104.41
C ARG B 219 54.61 -1.80 -104.77
N GLU B 220 54.87 -0.95 -103.76
CA GLU B 220 55.55 0.35 -103.89
C GLU B 220 57.05 0.14 -104.17
N MET B 221 57.66 -0.89 -103.54
CA MET B 221 59.06 -1.24 -103.76
C MET B 221 59.19 -2.15 -105.00
N GLU B 222 58.07 -2.76 -105.44
CA GLU B 222 58.00 -3.57 -106.66
C GLU B 222 57.84 -2.66 -107.88
N GLU B 223 57.30 -1.45 -107.66
CA GLU B 223 57.16 -0.45 -108.71
C GLU B 223 58.46 0.34 -108.90
N GLN B 224 59.12 0.69 -107.77
CA GLN B 224 60.39 1.43 -107.74
C GLN B 224 61.53 0.65 -108.40
N MET B 225 61.48 -0.70 -108.33
CA MET B 225 62.49 -1.57 -108.94
C MET B 225 62.25 -1.74 -110.45
N ARG B 226 60.97 -1.91 -110.86
CA ARG B 226 60.54 -2.05 -112.26
C ARG B 226 60.82 -0.79 -113.07
N ARG B 227 60.73 0.39 -112.42
CA ARG B 227 61.02 1.69 -113.02
C ARG B 227 62.53 1.84 -113.24
N GLN B 228 63.33 1.46 -112.21
CA GLN B 228 64.80 1.51 -112.21
C GLN B 228 65.47 0.57 -113.25
N ARG B 229 64.68 -0.34 -113.85
CA ARG B 229 65.14 -1.26 -114.89
C ARG B 229 65.28 -0.50 -116.21
N GLU B 230 64.24 0.30 -116.56
CA GLU B 230 64.17 1.12 -117.78
C GLU B 230 64.97 2.40 -117.64
#